data_9LXL
#
_entry.id   9LXL
#
_cell.length_a   76.757
_cell.length_b   76.757
_cell.length_c   225.338
_cell.angle_alpha   90.000
_cell.angle_beta   90.000
_cell.angle_gamma   90.000
#
_symmetry.space_group_name_H-M   'P 41 21 2'
#
loop_
_entity.id
_entity.type
_entity.pdbx_description
1 polymer alpha-L-fucosidase
2 non-polymer 2-acetamido-2-deoxy-beta-D-glucopyranose
3 non-polymer 2-AMINO-2-HYDROXYMETHYL-PROPANE-1,3-DIOL
4 non-polymer (4S)-2-METHYL-2,4-PENTANEDIOL
5 non-polymer 'SODIUM ION'
6 non-polymer 'AZIDE ION'
7 non-polymer 'ACETATE ION'
8 water water
#
_entity_poly.entity_id   1
_entity_poly.type   'polypeptide(L)'
_entity_poly.pdbx_seq_one_letter_code
;ETQASGPYEATWESTDKHIASPEWFRDAKFGVYWHWGAFTTPQYASEWYPRNMYEPGSDQRKHHTETYGPPEEWGYANFI
NGADDLKGNFVQFKPVLSSKGGEFDPEAIIKAVKASGAKFAGPVGEHHDGYSMWDSKVNEWNSVKRGPKLDLVKLWADLV
RKNGMKLVVAMHQAYNYNGFYEWAPKTNDTSLKKLLGQLSREESDQLWFDKHREMLDHVQPDIIWNDFSLDSPGYCADFD
GPCAVAEKKRLEFLAYYFNRAVEWNKEVVTTHKHFDVGFRDTSTVSDYERGGPANITRPYWLTDDAISASSWSYTVGIQY
YSSKAMVHSLLDRISKNGNMLLNISPTAVGVLPDEQLKVLQDIGDFLGRYGESVFSTRAWDIYGEGPNQVTGGSFTAPLQ
GNSSDIRFTRNKDANVLYATVLGWPDDKHVSIASLGSDALVDLKSLKSIELLGDKAGEYEQVSDWKQTKDALEISLPAKP
AESLAYVLKLTFDGGIPVPQPKIGASVFSATSATGRGVSLGLGDFSEEFLTEAGLKPDTIRFIRVSSGTKLTVYSTGDLS
GDSKELDAGEHKVEEGSVGSITISKAENLYFQSAAASFLEQKLISEEDLNSAVDHHHHHH
;
_entity_poly.pdbx_strand_id   A
#
loop_
_chem_comp.id
_chem_comp.type
_chem_comp.name
_chem_comp.formula
ACT non-polymer 'ACETATE ION' 'C2 H3 O2 -1'
AZI non-polymer 'AZIDE ION' 'N3 -1'
MPD non-polymer (4S)-2-METHYL-2,4-PENTANEDIOL 'C6 H14 O2'
NA non-polymer 'SODIUM ION' 'Na 1'
NAG D-saccharide, beta linking 2-acetamido-2-deoxy-beta-D-glucopyranose 'C8 H15 N O6'
TRS non-polymer 2-AMINO-2-HYDROXYMETHYL-PROPANE-1,3-DIOL 'C4 H12 N O3 1'
#
# COMPACT_ATOMS: atom_id res chain seq x y z
N GLN A 3 -17.06 -23.74 2.15
CA GLN A 3 -17.28 -22.81 3.29
C GLN A 3 -16.40 -23.23 4.47
N ALA A 4 -16.10 -22.31 5.38
CA ALA A 4 -15.30 -22.60 6.58
C ALA A 4 -16.05 -22.02 7.78
N SER A 5 -16.03 -22.75 8.90
CA SER A 5 -16.83 -22.28 10.07
C SER A 5 -16.43 -20.85 10.43
N GLY A 6 -17.41 -19.98 10.54
CA GLY A 6 -17.16 -18.59 10.91
C GLY A 6 -18.47 -17.85 10.98
N PRO A 7 -18.43 -16.58 11.39
CA PRO A 7 -19.64 -15.77 11.44
C PRO A 7 -19.93 -15.10 10.08
N TYR A 8 -19.26 -15.54 9.02
CA TYR A 8 -19.45 -14.81 7.73
C TYR A 8 -20.10 -15.68 6.65
N GLU A 9 -21.20 -15.18 6.12
CA GLU A 9 -21.83 -15.86 4.96
C GLU A 9 -21.38 -15.10 3.69
N ALA A 10 -21.49 -15.71 2.51
CA ALA A 10 -20.99 -15.07 1.29
C ALA A 10 -22.01 -14.06 0.80
N THR A 11 -22.27 -13.07 1.63
CA THR A 11 -23.14 -11.97 1.24
C THR A 11 -22.36 -10.71 1.50
N TRP A 12 -22.80 -9.59 0.95
CA TRP A 12 -22.10 -8.31 1.22
C TRP A 12 -22.32 -7.88 2.66
N GLU A 13 -23.54 -8.02 3.15
CA GLU A 13 -23.84 -7.50 4.53
C GLU A 13 -23.05 -8.26 5.60
N SER A 14 -22.80 -9.54 5.41
CA SER A 14 -22.00 -10.31 6.39
C SER A 14 -20.53 -9.93 6.21
N THR A 15 -20.08 -9.89 4.97
CA THR A 15 -18.64 -9.63 4.71
C THR A 15 -18.30 -8.21 5.11
N ASP A 16 -19.25 -7.29 5.01
CA ASP A 16 -19.00 -5.85 5.27
C ASP A 16 -18.78 -5.56 6.76
N LYS A 17 -18.86 -6.57 7.60
CA LYS A 17 -18.74 -6.37 9.06
C LYS A 17 -17.29 -6.65 9.42
N HIS A 18 -16.59 -7.29 8.47
CA HIS A 18 -15.14 -7.54 8.65
C HIS A 18 -14.42 -6.19 8.84
N ILE A 19 -13.43 -6.15 9.73
CA ILE A 19 -12.60 -4.94 9.95
C ILE A 19 -11.68 -4.79 8.75
N ALA A 20 -11.91 -3.77 7.92
CA ALA A 20 -11.13 -3.61 6.69
C ALA A 20 -9.64 -3.57 6.98
N SER A 21 -9.26 -2.62 7.82
CA SER A 21 -7.83 -2.40 8.19
C SER A 21 -7.67 -2.46 9.71
N PRO A 22 -7.13 -3.58 10.24
CA PRO A 22 -6.96 -3.71 11.67
C PRO A 22 -5.89 -2.76 12.24
N GLU A 23 -5.79 -2.64 13.56
CA GLU A 23 -4.81 -1.74 14.23
C GLU A 23 -3.36 -2.12 13.91
N TRP A 24 -3.02 -3.41 13.86
CA TRP A 24 -1.63 -3.75 13.50
C TRP A 24 -1.28 -3.21 12.12
N PHE A 25 -2.18 -3.36 11.14
CA PHE A 25 -1.91 -2.90 9.76
C PHE A 25 -1.67 -1.40 9.79
N ARG A 26 -2.54 -0.69 10.50
CA ARG A 26 -2.41 0.77 10.59
C ARG A 26 -1.08 1.14 11.29
N ASP A 27 -0.50 0.25 12.09
CA ASP A 27 0.75 0.56 12.81
C ASP A 27 1.96 0.08 12.01
N ALA A 28 1.78 -0.84 11.07
CA ALA A 28 2.92 -1.41 10.32
C ALA A 28 3.54 -0.41 9.35
N LYS A 29 2.73 0.38 8.66
CA LYS A 29 3.23 1.47 7.82
C LYS A 29 3.94 0.98 6.57
N PHE A 30 4.99 0.17 6.73
CA PHE A 30 5.87 -0.16 5.62
C PHE A 30 5.98 -1.67 5.43
N GLY A 31 5.94 -2.10 4.18
CA GLY A 31 6.05 -3.51 3.85
C GLY A 31 6.75 -3.70 2.52
N VAL A 32 7.23 -4.92 2.30
CA VAL A 32 7.99 -5.24 1.06
C VAL A 32 7.50 -6.57 0.48
N TYR A 33 7.32 -6.61 -0.85
CA TYR A 33 6.96 -7.86 -1.57
C TYR A 33 7.82 -7.94 -2.82
N TRP A 34 7.82 -9.07 -3.50
CA TRP A 34 8.70 -9.27 -4.68
C TRP A 34 8.00 -9.96 -5.85
N HIS A 35 7.98 -9.32 -7.02
CA HIS A 35 7.46 -9.98 -8.24
C HIS A 35 8.57 -10.89 -8.76
N TRP A 36 8.61 -12.13 -8.27
CA TRP A 36 9.61 -13.11 -8.73
C TRP A 36 8.89 -14.39 -9.16
N GLY A 37 9.21 -14.89 -10.34
CA GLY A 37 8.52 -16.09 -10.86
C GLY A 37 9.01 -16.47 -12.23
N ALA A 38 8.31 -17.39 -12.87
CA ALA A 38 8.68 -17.83 -14.23
C ALA A 38 8.69 -16.64 -15.19
N PHE A 39 7.92 -15.59 -14.90
CA PHE A 39 7.86 -14.37 -15.73
C PHE A 39 9.17 -13.59 -15.72
N THR A 40 10.12 -13.99 -14.88
CA THR A 40 11.40 -13.25 -14.71
C THR A 40 12.45 -13.96 -15.55
N THR A 41 12.16 -15.17 -15.98
CA THR A 41 13.15 -16.00 -16.69
C THR A 41 13.71 -15.27 -17.93
N PRO A 42 12.88 -14.65 -18.80
CA PRO A 42 13.36 -13.99 -20.01
C PRO A 42 14.22 -12.78 -19.62
N GLN A 43 13.82 -12.03 -18.60
CA GLN A 43 14.58 -10.86 -18.11
C GLN A 43 14.54 -9.80 -19.21
N TYR A 44 13.36 -9.57 -19.76
CA TYR A 44 13.20 -8.56 -20.83
C TYR A 44 11.88 -7.86 -20.64
N ALA A 45 11.86 -6.57 -20.96
CA ALA A 45 10.60 -5.81 -20.89
C ALA A 45 10.04 -5.81 -19.49
N SER A 46 8.85 -6.37 -19.33
CA SER A 46 8.16 -6.31 -18.02
C SER A 46 7.77 -7.70 -17.52
N GLU A 47 7.07 -7.74 -16.39
CA GLU A 47 6.52 -9.00 -15.86
C GLU A 47 5.43 -9.48 -16.83
N TRP A 48 4.94 -8.58 -17.69
CA TRP A 48 3.87 -8.91 -18.66
C TRP A 48 4.47 -9.49 -19.94
N TYR A 49 5.71 -9.96 -19.90
CA TYR A 49 6.29 -10.63 -21.07
C TYR A 49 5.42 -11.84 -21.46
N PRO A 50 4.94 -12.69 -20.53
CA PRO A 50 4.06 -13.81 -20.86
C PRO A 50 2.94 -13.36 -21.81
N ARG A 51 2.30 -12.23 -21.54
CA ARG A 51 1.25 -11.68 -22.42
C ARG A 51 1.87 -11.08 -23.70
N ASN A 52 2.74 -10.08 -23.59
CA ASN A 52 3.28 -9.33 -24.74
C ASN A 52 4.12 -10.23 -25.67
N MET A 53 4.62 -11.36 -25.22
CA MET A 53 5.47 -12.16 -26.14
C MET A 53 4.63 -12.67 -27.32
N TYR A 54 3.31 -12.62 -27.20
CA TYR A 54 2.41 -13.12 -28.27
C TYR A 54 1.72 -11.93 -28.94
N GLU A 55 1.85 -10.74 -28.36
CA GLU A 55 1.24 -9.50 -28.93
C GLU A 55 1.73 -9.33 -30.36
N PRO A 56 0.81 -9.21 -31.34
CA PRO A 56 1.21 -9.04 -32.75
C PRO A 56 2.03 -7.77 -32.94
N GLY A 57 3.24 -7.94 -33.47
CA GLY A 57 4.10 -6.81 -33.77
C GLY A 57 4.75 -6.16 -32.57
N SER A 58 4.82 -6.89 -31.45
CA SER A 58 5.44 -6.36 -30.20
C SER A 58 6.96 -6.50 -30.26
N ASP A 59 7.68 -5.66 -29.54
CA ASP A 59 9.15 -5.84 -29.43
C ASP A 59 9.41 -7.14 -28.67
N GLN A 60 8.54 -7.47 -27.73
CA GLN A 60 8.71 -8.75 -26.97
C GLN A 60 8.65 -9.92 -27.95
N ARG A 61 7.67 -9.92 -28.85
CA ARG A 61 7.55 -11.01 -29.84
C ARG A 61 8.81 -11.06 -30.68
N LYS A 62 9.29 -9.88 -31.09
CA LYS A 62 10.51 -9.87 -31.87
C LYS A 62 11.69 -10.44 -31.07
N HIS A 63 11.81 -10.02 -29.80
CA HIS A 63 12.88 -10.53 -28.96
C HIS A 63 12.74 -12.03 -28.75
N HIS A 64 11.52 -12.51 -28.51
CA HIS A 64 11.30 -13.93 -28.29
C HIS A 64 11.64 -14.73 -29.55
N THR A 65 11.25 -14.22 -30.71
CA THR A 65 11.54 -14.92 -31.97
C THR A 65 13.04 -14.95 -32.25
N GLU A 66 13.74 -13.85 -31.99
CA GLU A 66 15.17 -13.80 -32.22
C GLU A 66 15.98 -14.57 -31.19
N THR A 67 15.41 -14.85 -30.01
CA THR A 67 16.19 -15.52 -28.94
C THR A 67 15.79 -16.98 -28.80
N TYR A 68 14.50 -17.26 -28.70
CA TYR A 68 14.07 -18.66 -28.44
C TYR A 68 13.34 -19.26 -29.66
N GLY A 69 12.63 -18.44 -30.44
CA GLY A 69 11.86 -18.93 -31.56
C GLY A 69 10.48 -18.31 -31.57
N PRO A 70 9.70 -18.61 -32.59
CA PRO A 70 8.33 -18.08 -32.66
C PRO A 70 7.52 -18.52 -31.46
N PRO A 71 6.78 -17.60 -30.83
CA PRO A 71 5.98 -17.98 -29.66
C PRO A 71 4.92 -19.02 -29.96
N GLU A 72 4.47 -19.13 -31.21
CA GLU A 72 3.56 -20.20 -31.59
C GLU A 72 4.24 -21.57 -31.52
N GLU A 73 5.56 -21.59 -31.61
CA GLU A 73 6.31 -22.87 -31.46
CA GLU A 73 6.32 -22.86 -31.47
C GLU A 73 7.04 -23.01 -30.11
N TRP A 74 7.54 -21.88 -29.59
CA TRP A 74 8.28 -21.91 -28.31
C TRP A 74 7.50 -21.02 -27.35
N GLY A 75 6.50 -21.57 -26.68
CA GLY A 75 5.62 -20.76 -25.83
C GLY A 75 6.13 -20.60 -24.41
N TYR A 76 5.36 -19.90 -23.58
CA TYR A 76 5.76 -19.62 -22.20
C TYR A 76 5.84 -20.88 -21.36
N ALA A 77 5.06 -21.90 -21.73
CA ALA A 77 5.18 -23.20 -21.10
C ALA A 77 6.58 -23.79 -21.24
N ASN A 78 7.38 -23.29 -22.20
CA ASN A 78 8.78 -23.69 -22.27
C ASN A 78 9.61 -22.97 -21.21
N PHE A 79 9.28 -21.72 -20.89
CA PHE A 79 9.90 -21.07 -19.74
C PHE A 79 9.57 -21.83 -18.46
N ILE A 80 8.35 -22.35 -18.36
CA ILE A 80 7.97 -23.07 -17.14
C ILE A 80 8.61 -24.45 -17.08
N ASN A 81 8.51 -25.21 -18.18
CA ASN A 81 8.92 -26.64 -18.16
C ASN A 81 10.35 -26.87 -18.64
N GLY A 82 10.96 -25.89 -19.27
CA GLY A 82 12.38 -26.05 -19.62
C GLY A 82 12.61 -26.38 -21.08
N ALA A 83 13.50 -25.63 -21.73
CA ALA A 83 13.77 -25.84 -23.18
C ALA A 83 14.99 -25.04 -23.63
N ASP A 84 15.55 -25.40 -24.79
CA ASP A 84 16.70 -24.70 -25.32
C ASP A 84 16.26 -23.50 -26.15
N ASP A 85 17.17 -22.53 -26.21
CA ASP A 85 16.94 -21.34 -27.05
C ASP A 85 17.58 -21.63 -28.42
N LEU A 86 17.65 -20.63 -29.29
CA LEU A 86 18.20 -20.85 -30.65
C LEU A 86 19.71 -21.09 -30.55
N LYS A 87 20.36 -20.50 -29.55
CA LYS A 87 21.84 -20.62 -29.44
C LYS A 87 22.15 -21.98 -28.78
N GLY A 88 21.15 -22.56 -28.14
CA GLY A 88 21.38 -23.88 -27.58
C GLY A 88 21.49 -23.93 -26.06
N ASN A 89 21.18 -22.85 -25.36
CA ASN A 89 21.26 -22.82 -23.91
C ASN A 89 19.92 -23.22 -23.29
N PHE A 90 19.99 -24.02 -22.23
CA PHE A 90 18.79 -24.47 -21.54
C PHE A 90 18.18 -23.30 -20.77
N VAL A 91 16.90 -23.03 -21.01
CA VAL A 91 16.25 -21.88 -20.35
C VAL A 91 15.03 -22.37 -19.55
N GLN A 92 15.04 -22.17 -18.23
CA GLN A 92 13.87 -22.52 -17.39
C GLN A 92 13.96 -21.77 -16.07
N PHE A 93 12.81 -21.49 -15.45
CA PHE A 93 12.84 -20.89 -14.09
C PHE A 93 13.12 -22.04 -13.12
N LYS A 94 14.39 -22.36 -12.95
CA LYS A 94 14.79 -23.43 -12.00
C LYS A 94 15.77 -22.82 -11.01
N PRO A 95 15.31 -22.00 -10.06
CA PRO A 95 16.21 -21.48 -9.01
C PRO A 95 16.80 -22.60 -8.14
N VAL A 96 18.10 -22.56 -7.82
CA VAL A 96 18.73 -23.59 -7.01
C VAL A 96 19.13 -22.95 -5.68
N LEU A 97 18.76 -23.61 -4.58
CA LEU A 97 19.12 -23.09 -3.26
C LEU A 97 20.63 -22.98 -3.11
N SER A 98 21.07 -21.87 -2.49
CA SER A 98 22.50 -21.67 -2.28
C SER A 98 23.09 -22.73 -1.37
N SER A 99 22.28 -23.27 -0.46
CA SER A 99 22.74 -24.38 0.38
C SER A 99 22.98 -25.65 -0.41
N LYS A 100 22.41 -25.75 -1.61
CA LYS A 100 22.65 -26.88 -2.51
C LYS A 100 23.62 -26.55 -3.63
N GLY A 101 24.18 -25.35 -3.66
CA GLY A 101 25.14 -24.96 -4.66
C GLY A 101 24.67 -23.95 -5.68
N GLY A 102 23.48 -23.38 -5.51
CA GLY A 102 22.93 -22.42 -6.45
C GLY A 102 23.15 -20.99 -6.00
N GLU A 103 22.43 -20.07 -6.66
CA GLU A 103 22.58 -18.62 -6.36
C GLU A 103 21.33 -18.10 -5.64
N PHE A 104 20.30 -18.93 -5.53
CA PHE A 104 19.09 -18.52 -4.82
C PHE A 104 19.33 -18.65 -3.32
N ASP A 105 19.50 -17.52 -2.65
CA ASP A 105 19.73 -17.46 -1.21
C ASP A 105 18.57 -16.72 -0.57
N PRO A 106 17.46 -17.43 -0.29
CA PRO A 106 16.30 -16.74 0.29
C PRO A 106 16.57 -16.18 1.68
N GLU A 107 17.50 -16.77 2.43
CA GLU A 107 17.84 -16.24 3.75
C GLU A 107 18.47 -14.86 3.66
N ALA A 108 19.35 -14.65 2.66
CA ALA A 108 19.94 -13.33 2.49
C ALA A 108 18.88 -12.30 2.09
N ILE A 109 17.96 -12.70 1.21
CA ILE A 109 16.89 -11.79 0.78
C ILE A 109 16.01 -11.40 1.96
N ILE A 110 15.67 -12.37 2.80
CA ILE A 110 14.76 -12.08 3.95
C ILE A 110 15.53 -11.28 5.01
N LYS A 111 16.84 -11.49 5.08
CA LYS A 111 17.63 -10.65 6.02
C LYS A 111 17.61 -9.19 5.52
N ALA A 112 17.83 -8.99 4.23
CA ALA A 112 17.79 -7.63 3.70
C ALA A 112 16.42 -6.99 3.92
N VAL A 113 15.36 -7.76 3.68
CA VAL A 113 14.01 -7.23 3.88
C VAL A 113 13.78 -6.86 5.34
N LYS A 114 14.26 -7.71 6.25
CA LYS A 114 14.12 -7.42 7.71
C LYS A 114 14.88 -6.14 8.02
N ALA A 115 16.10 -6.05 7.49
CA ALA A 115 16.92 -4.89 7.78
C ALA A 115 16.30 -3.60 7.24
N SER A 116 15.51 -3.71 6.17
CA SER A 116 14.82 -2.53 5.62
C SER A 116 13.80 -1.95 6.57
N GLY A 117 13.38 -2.67 7.60
CA GLY A 117 12.42 -2.12 8.56
C GLY A 117 10.99 -2.52 8.24
N ALA A 118 10.83 -3.44 7.30
CA ALA A 118 9.51 -3.93 6.88
C ALA A 118 8.75 -4.63 8.00
N LYS A 119 7.49 -4.27 8.19
CA LYS A 119 6.63 -4.88 9.22
C LYS A 119 5.76 -5.98 8.60
N PHE A 120 5.67 -6.02 7.27
CA PHE A 120 4.94 -7.09 6.54
C PHE A 120 5.71 -7.40 5.26
N ALA A 121 5.85 -8.67 4.95
CA ALA A 121 6.59 -9.07 3.75
C ALA A 121 5.96 -10.33 3.16
N GLY A 122 6.54 -10.80 2.07
CA GLY A 122 6.03 -12.02 1.45
C GLY A 122 6.20 -12.03 -0.06
N PRO A 123 5.91 -13.16 -0.72
CA PRO A 123 6.14 -13.27 -2.13
C PRO A 123 4.90 -13.05 -2.98
N VAL A 124 5.09 -13.04 -4.30
CA VAL A 124 3.92 -12.99 -5.19
C VAL A 124 3.55 -14.47 -5.34
N GLY A 125 2.40 -14.85 -4.81
CA GLY A 125 2.06 -16.26 -4.85
C GLY A 125 1.81 -16.75 -6.27
N GLU A 126 1.03 -15.97 -7.01
CA GLU A 126 0.73 -16.29 -8.43
C GLU A 126 0.44 -14.99 -9.20
N HIS A 127 1.14 -14.79 -10.30
CA HIS A 127 0.87 -13.61 -11.18
C HIS A 127 -0.17 -14.00 -12.22
N HIS A 128 -0.35 -13.18 -13.26
CA HIS A 128 -1.32 -13.43 -14.36
C HIS A 128 -0.92 -14.62 -15.23
N ASP A 129 0.32 -15.07 -15.16
CA ASP A 129 0.83 -16.15 -16.05
C ASP A 129 0.29 -17.54 -15.71
N GLY A 130 -0.41 -17.71 -14.59
CA GLY A 130 -1.00 -19.02 -14.23
C GLY A 130 0.01 -20.01 -13.67
N TYR A 131 1.08 -19.53 -13.05
CA TYR A 131 2.09 -20.42 -12.45
C TYR A 131 2.03 -20.31 -10.93
N SER A 132 1.31 -21.23 -10.30
CA SER A 132 1.18 -21.23 -8.83
C SER A 132 2.53 -21.60 -8.21
N MET A 133 3.01 -20.80 -7.27
CA MET A 133 4.37 -21.04 -6.71
C MET A 133 4.28 -21.78 -5.37
N TRP A 134 3.15 -22.43 -5.12
CA TRP A 134 2.96 -23.27 -3.92
C TRP A 134 2.68 -24.70 -4.40
N ASP A 135 2.52 -25.66 -3.48
CA ASP A 135 2.24 -27.06 -3.87
C ASP A 135 0.73 -27.18 -4.12
N SER A 136 0.29 -26.80 -5.31
CA SER A 136 -1.16 -26.81 -5.64
C SER A 136 -1.57 -28.18 -6.16
N LYS A 137 -2.81 -28.53 -5.92
CA LYS A 137 -3.33 -29.79 -6.50
C LYS A 137 -4.27 -29.38 -7.63
N VAL A 138 -4.87 -28.21 -7.49
CA VAL A 138 -5.84 -27.69 -8.49
C VAL A 138 -5.09 -27.21 -9.74
N ASN A 139 -3.84 -26.76 -9.61
CA ASN A 139 -3.08 -26.26 -10.74
C ASN A 139 -1.77 -27.04 -10.83
N GLU A 140 -1.65 -27.88 -11.85
CA GLU A 140 -0.42 -28.63 -12.08
C GLU A 140 0.72 -27.76 -12.57
N TRP A 141 0.43 -26.53 -13.00
CA TRP A 141 1.47 -25.59 -13.42
C TRP A 141 1.99 -24.84 -12.19
N ASN A 142 2.72 -25.58 -11.35
CA ASN A 142 3.24 -25.02 -10.12
C ASN A 142 4.74 -25.30 -10.00
N SER A 143 5.36 -24.65 -9.01
CA SER A 143 6.80 -24.70 -8.83
C SER A 143 7.28 -25.93 -8.07
N VAL A 144 6.37 -26.76 -7.56
CA VAL A 144 6.76 -27.99 -6.88
C VAL A 144 6.88 -29.15 -7.87
N LYS A 145 5.88 -29.26 -8.74
CA LYS A 145 5.88 -30.34 -9.74
C LYS A 145 6.84 -30.00 -10.87
N ARG A 146 7.14 -28.72 -11.06
CA ARG A 146 8.00 -28.32 -12.22
C ARG A 146 9.11 -27.35 -11.82
N GLY A 147 10.20 -27.32 -12.59
CA GLY A 147 11.28 -26.36 -12.33
C GLY A 147 12.04 -26.59 -11.05
N PRO A 148 12.08 -25.59 -10.15
CA PRO A 148 12.89 -25.67 -8.91
C PRO A 148 12.42 -26.79 -7.99
N LYS A 149 11.20 -27.26 -8.21
CA LYS A 149 10.62 -28.31 -7.34
C LYS A 149 10.82 -27.85 -5.90
N LEU A 150 10.17 -26.75 -5.52
CA LEU A 150 10.26 -26.15 -4.19
CA LEU A 150 10.31 -26.17 -4.16
C LEU A 150 9.07 -25.27 -3.91
N ASP A 151 8.40 -25.49 -2.78
CA ASP A 151 7.16 -24.72 -2.47
C ASP A 151 7.61 -23.32 -2.04
N LEU A 152 7.96 -22.48 -3.00
CA LEU A 152 8.49 -21.12 -2.69
C LEU A 152 7.55 -20.35 -1.76
N VAL A 153 6.24 -20.44 -1.94
CA VAL A 153 5.38 -19.66 -1.05
C VAL A 153 5.56 -20.10 0.39
N LYS A 154 5.70 -21.41 0.63
CA LYS A 154 5.86 -21.94 2.00
C LYS A 154 7.25 -21.53 2.49
N LEU A 155 8.22 -21.59 1.60
CA LEU A 155 9.57 -21.16 1.97
C LEU A 155 9.58 -19.72 2.45
N TRP A 156 9.01 -18.82 1.65
CA TRP A 156 8.97 -17.41 2.02
C TRP A 156 8.14 -17.19 3.28
N ALA A 157 7.06 -17.94 3.45
CA ALA A 157 6.23 -17.80 4.63
C ALA A 157 6.99 -18.19 5.88
N ASP A 158 7.71 -19.31 5.83
CA ASP A 158 8.49 -19.75 6.97
C ASP A 158 9.60 -18.76 7.29
N LEU A 159 10.26 -18.22 6.27
CA LEU A 159 11.33 -17.25 6.51
C LEU A 159 10.78 -15.94 7.06
N VAL A 160 9.62 -15.50 6.58
CA VAL A 160 9.02 -14.26 7.06
C VAL A 160 8.58 -14.42 8.51
N ARG A 161 7.93 -15.51 8.87
CA ARG A 161 7.53 -15.72 10.27
C ARG A 161 8.78 -15.84 11.17
N LYS A 162 9.75 -16.63 10.75
CA LYS A 162 10.95 -16.82 11.58
C LYS A 162 11.60 -15.46 11.88
N ASN A 163 11.58 -14.55 10.91
CA ASN A 163 12.18 -13.24 11.08
C ASN A 163 11.22 -12.23 11.71
N GLY A 164 10.11 -12.67 12.25
CA GLY A 164 9.26 -11.76 13.02
C GLY A 164 8.50 -10.74 12.20
N MET A 165 8.04 -11.15 11.03
CA MET A 165 7.24 -10.23 10.20
C MET A 165 5.89 -10.82 9.79
N LYS A 166 4.90 -9.96 9.59
CA LYS A 166 3.59 -10.40 9.06
C LYS A 166 3.77 -10.85 7.60
N LEU A 167 2.92 -11.76 7.13
CA LEU A 167 3.04 -12.36 5.81
C LEU A 167 1.98 -11.77 4.88
N VAL A 168 2.42 -11.22 3.76
CA VAL A 168 1.55 -10.78 2.67
C VAL A 168 1.83 -11.65 1.46
N VAL A 169 0.77 -12.06 0.78
CA VAL A 169 0.88 -12.84 -0.46
C VAL A 169 0.12 -12.09 -1.55
N ALA A 170 0.82 -11.79 -2.65
CA ALA A 170 0.23 -11.09 -3.77
C ALA A 170 -0.34 -12.10 -4.76
N MET A 171 -1.61 -11.89 -5.06
CA MET A 171 -2.30 -12.78 -6.03
C MET A 171 -2.75 -11.94 -7.23
N HIS A 172 -2.35 -12.34 -8.43
CA HIS A 172 -2.77 -11.62 -9.67
C HIS A 172 -3.31 -12.65 -10.67
N GLN A 173 -4.29 -13.46 -10.29
CA GLN A 173 -4.75 -14.59 -11.15
C GLN A 173 -6.15 -14.30 -11.68
N ALA A 174 -6.71 -13.16 -11.32
CA ALA A 174 -8.00 -12.79 -11.88
C ALA A 174 -7.90 -12.43 -13.35
N TYR A 175 -6.86 -11.68 -13.74
CA TYR A 175 -6.67 -11.26 -15.12
C TYR A 175 -6.12 -12.37 -16.00
N ASN A 176 -5.70 -13.49 -15.41
CA ASN A 176 -5.18 -14.61 -16.20
C ASN A 176 -6.18 -15.06 -17.27
N TYR A 177 -7.46 -15.13 -16.91
CA TYR A 177 -8.50 -15.58 -17.83
C TYR A 177 -9.41 -14.44 -18.28
N ASN A 178 -8.99 -13.19 -18.06
CA ASN A 178 -9.79 -12.02 -18.48
C ASN A 178 -9.08 -11.19 -19.58
N GLY A 179 -8.18 -11.81 -20.36
CA GLY A 179 -7.51 -11.14 -21.47
C GLY A 179 -5.99 -11.09 -21.46
N PHE A 180 -5.34 -11.60 -20.42
CA PHE A 180 -3.87 -11.52 -20.32
C PHE A 180 -3.25 -12.30 -21.45
N TYR A 181 -3.76 -13.51 -21.69
CA TYR A 181 -3.16 -14.37 -22.75
C TYR A 181 -4.01 -14.29 -24.04
N GLU A 182 -4.66 -13.17 -24.30
CA GLU A 182 -5.58 -13.01 -25.47
C GLU A 182 -4.86 -13.17 -26.82
N TRP A 183 -3.55 -13.06 -26.86
CA TRP A 183 -2.81 -13.09 -28.14
C TRP A 183 -2.05 -14.40 -28.21
N ALA A 184 -2.29 -15.25 -27.23
CA ALA A 184 -1.66 -16.59 -27.26
C ALA A 184 -2.51 -17.51 -28.14
N PRO A 185 -1.91 -18.50 -28.80
CA PRO A 185 -2.66 -19.37 -29.70
C PRO A 185 -3.68 -20.21 -28.94
N LYS A 186 -4.85 -20.32 -29.58
CA LYS A 186 -5.89 -21.19 -29.00
C LYS A 186 -5.31 -22.59 -28.96
N THR A 187 -5.68 -23.34 -27.94
CA THR A 187 -5.26 -24.77 -27.87
C THR A 187 -6.44 -25.61 -27.42
N ASN A 188 -6.34 -26.91 -27.67
CA ASN A 188 -7.40 -27.84 -27.22
C ASN A 188 -6.90 -28.51 -25.93
N ASP A 189 -5.58 -28.45 -25.67
CA ASP A 189 -4.97 -29.03 -24.45
C ASP A 189 -5.59 -28.44 -23.21
N THR A 190 -6.26 -29.28 -22.42
CA THR A 190 -6.98 -28.77 -21.22
C THR A 190 -5.99 -28.29 -20.18
N SER A 191 -4.80 -28.86 -20.11
CA SER A 191 -3.77 -28.34 -19.18
C SER A 191 -3.30 -26.93 -19.62
N LEU A 192 -2.87 -26.79 -20.87
CA LEU A 192 -2.40 -25.47 -21.38
C LEU A 192 -3.58 -24.49 -21.34
N LYS A 193 -4.80 -25.00 -21.45
CA LYS A 193 -5.96 -24.09 -21.32
C LYS A 193 -5.95 -23.54 -19.90
N LYS A 194 -5.61 -24.39 -18.93
CA LYS A 194 -5.55 -23.96 -17.51
C LYS A 194 -4.45 -22.92 -17.39
N LEU A 195 -3.34 -23.20 -18.06
CA LEU A 195 -2.21 -22.28 -17.95
C LEU A 195 -2.52 -20.94 -18.60
N LEU A 196 -3.21 -20.95 -19.74
CA LEU A 196 -3.36 -19.76 -20.58
C LEU A 196 -4.75 -19.14 -20.49
N GLY A 197 -5.51 -19.46 -19.44
CA GLY A 197 -6.81 -18.84 -19.25
C GLY A 197 -7.82 -19.14 -20.33
N GLN A 198 -7.71 -20.31 -20.96
CA GLN A 198 -8.65 -20.70 -22.04
C GLN A 198 -9.63 -21.75 -21.52
N LEU A 199 -9.98 -21.74 -20.22
CA LEU A 199 -11.02 -22.65 -19.69
C LEU A 199 -12.33 -21.89 -19.57
N SER A 200 -13.43 -22.62 -19.43
CA SER A 200 -14.77 -21.99 -19.26
C SER A 200 -14.70 -20.95 -18.13
N ARG A 201 -15.47 -19.92 -18.26
CA ARG A 201 -15.49 -18.89 -17.25
C ARG A 201 -15.75 -19.54 -15.91
N GLU A 202 -16.82 -20.32 -15.82
CA GLU A 202 -17.25 -20.96 -14.55
C GLU A 202 -16.06 -21.72 -13.97
N GLU A 203 -15.39 -22.51 -14.81
CA GLU A 203 -14.18 -23.22 -14.36
C GLU A 203 -13.10 -22.23 -13.93
N SER A 204 -12.96 -21.10 -14.63
CA SER A 204 -11.88 -20.17 -14.32
C SER A 204 -12.14 -19.43 -13.01
N ASP A 205 -13.39 -19.01 -12.76
CA ASP A 205 -13.71 -18.41 -11.48
C ASP A 205 -13.53 -19.42 -10.35
N GLN A 206 -13.95 -20.68 -10.58
CA GLN A 206 -13.74 -21.71 -9.59
C GLN A 206 -12.26 -21.92 -9.30
N LEU A 207 -11.42 -21.86 -10.33
CA LEU A 207 -9.99 -22.03 -10.14
C LEU A 207 -9.38 -20.85 -9.41
N TRP A 208 -9.88 -19.64 -9.67
CA TRP A 208 -9.50 -18.47 -8.90
C TRP A 208 -9.73 -18.69 -7.41
N PHE A 209 -10.98 -19.05 -7.08
CA PHE A 209 -11.31 -19.30 -5.67
C PHE A 209 -10.47 -20.44 -5.10
N ASP A 210 -10.23 -21.49 -5.89
CA ASP A 210 -9.54 -22.66 -5.35
C ASP A 210 -8.06 -22.37 -5.12
N LYS A 211 -7.44 -21.58 -6.00
CA LYS A 211 -6.08 -21.13 -5.75
C LYS A 211 -6.02 -20.31 -4.46
N HIS A 212 -6.94 -19.38 -4.30
CA HIS A 212 -6.95 -18.61 -3.03
C HIS A 212 -7.04 -19.59 -1.86
N ARG A 213 -8.03 -20.47 -1.86
CA ARG A 213 -8.23 -21.40 -0.70
C ARG A 213 -6.96 -22.20 -0.45
N GLU A 214 -6.45 -22.86 -1.48
CA GLU A 214 -5.22 -23.67 -1.31
C GLU A 214 -4.13 -22.83 -0.65
N MET A 215 -3.83 -21.64 -1.18
CA MET A 215 -2.71 -20.86 -0.65
C MET A 215 -2.99 -20.37 0.76
N LEU A 216 -4.18 -19.81 1.00
CA LEU A 216 -4.48 -19.19 2.31
C LEU A 216 -4.53 -20.26 3.42
N ASP A 217 -4.80 -21.52 3.07
CA ASP A 217 -4.84 -22.62 4.05
C ASP A 217 -3.42 -23.18 4.19
N HIS A 218 -2.60 -23.03 3.15
CA HIS A 218 -1.22 -23.58 3.17
C HIS A 218 -0.32 -22.69 4.01
N VAL A 219 -0.43 -21.37 3.89
CA VAL A 219 0.51 -20.49 4.59
C VAL A 219 -0.16 -19.53 5.56
N GLN A 220 -1.48 -19.51 5.60
CA GLN A 220 -2.24 -18.61 6.50
C GLN A 220 -1.68 -17.17 6.41
N PRO A 221 -1.86 -16.45 5.28
CA PRO A 221 -1.29 -15.12 5.15
C PRO A 221 -2.06 -14.08 5.96
N ASP A 222 -1.34 -13.06 6.40
CA ASP A 222 -1.97 -11.95 7.13
C ASP A 222 -2.58 -10.93 6.18
N ILE A 223 -2.07 -10.84 4.96
CA ILE A 223 -2.60 -9.93 3.94
C ILE A 223 -2.73 -10.70 2.63
N ILE A 224 -3.89 -10.57 1.99
CA ILE A 224 -4.13 -11.10 0.65
C ILE A 224 -4.15 -9.92 -0.30
N TRP A 225 -3.09 -9.78 -1.10
CA TRP A 225 -2.99 -8.69 -2.06
C TRP A 225 -3.53 -9.14 -3.40
N ASN A 226 -4.64 -8.51 -3.79
CA ASN A 226 -5.27 -8.88 -5.08
C ASN A 226 -5.00 -7.81 -6.15
N ASP A 227 -4.59 -8.25 -7.32
CA ASP A 227 -4.39 -7.33 -8.47
C ASP A 227 -5.74 -7.11 -9.17
N PHE A 228 -5.74 -6.58 -10.39
CA PHE A 228 -7.01 -6.15 -11.02
C PHE A 228 -7.81 -7.29 -11.66
N SER A 229 -8.91 -6.94 -12.34
CA SER A 229 -9.82 -7.92 -13.01
C SER A 229 -10.76 -8.63 -12.02
N LEU A 230 -11.02 -8.03 -10.86
CA LEU A 230 -12.04 -8.59 -9.94
C LEU A 230 -13.40 -8.07 -10.43
N ASP A 231 -13.55 -6.75 -10.58
CA ASP A 231 -14.75 -6.14 -11.20
C ASP A 231 -14.25 -4.78 -11.70
N SER A 232 -13.34 -4.82 -12.67
CA SER A 232 -12.72 -3.59 -13.18
C SER A 232 -13.00 -3.41 -14.69
N PRO A 233 -14.22 -3.08 -15.14
CA PRO A 233 -14.46 -2.93 -16.59
C PRO A 233 -13.62 -1.78 -17.13
N GLY A 234 -12.98 -2.00 -18.27
CA GLY A 234 -12.16 -0.94 -18.90
C GLY A 234 -10.67 -1.14 -18.76
N TYR A 235 -10.24 -2.21 -18.12
CA TYR A 235 -8.79 -2.39 -17.86
C TYR A 235 -8.34 -3.69 -18.45
N CYS A 236 -9.24 -4.33 -19.21
CA CYS A 236 -8.88 -5.61 -19.86
C CYS A 236 -8.82 -5.43 -21.38
N ALA A 237 -8.51 -4.22 -21.83
CA ALA A 237 -8.32 -3.98 -23.28
C ALA A 237 -9.60 -4.26 -24.06
N ASP A 238 -9.48 -5.07 -25.11
CA ASP A 238 -10.64 -5.35 -25.98
C ASP A 238 -10.86 -6.86 -26.01
N PHE A 239 -10.61 -7.53 -24.89
CA PHE A 239 -10.87 -8.99 -24.80
C PHE A 239 -12.36 -9.19 -24.62
N ASP A 240 -12.94 -10.22 -25.23
CA ASP A 240 -14.38 -10.49 -24.99
C ASP A 240 -14.50 -11.07 -23.58
N GLY A 241 -14.55 -10.21 -22.57
CA GLY A 241 -14.63 -10.64 -21.19
C GLY A 241 -15.21 -9.53 -20.33
N PRO A 242 -15.67 -9.84 -19.12
CA PRO A 242 -16.23 -8.83 -18.23
C PRO A 242 -15.15 -8.11 -17.42
N CYS A 243 -13.89 -8.51 -17.59
CA CYS A 243 -12.81 -7.95 -16.77
C CYS A 243 -13.15 -8.08 -15.29
N ALA A 244 -13.72 -9.23 -14.92
CA ALA A 244 -14.25 -9.40 -13.57
C ALA A 244 -14.24 -10.88 -13.20
N VAL A 245 -14.28 -11.13 -11.90
CA VAL A 245 -14.53 -12.45 -11.34
C VAL A 245 -15.99 -12.51 -10.92
N ALA A 246 -16.59 -13.69 -11.04
CA ALA A 246 -17.98 -13.87 -10.67
C ALA A 246 -18.22 -13.39 -9.24
N GLU A 247 -19.21 -12.53 -9.08
CA GLU A 247 -19.50 -11.95 -7.75
C GLU A 247 -19.66 -13.08 -6.71
N LYS A 248 -20.40 -14.13 -7.06
CA LYS A 248 -20.57 -15.23 -6.12
C LYS A 248 -19.22 -15.75 -5.64
N LYS A 249 -18.27 -15.91 -6.56
CA LYS A 249 -16.95 -16.42 -6.18
C LYS A 249 -16.18 -15.40 -5.34
N ARG A 250 -16.42 -14.12 -5.55
CA ARG A 250 -15.65 -13.12 -4.80
C ARG A 250 -16.20 -13.11 -3.38
N LEU A 251 -17.53 -13.07 -3.25
CA LEU A 251 -18.14 -13.09 -1.91
C LEU A 251 -17.81 -14.41 -1.18
N GLU A 252 -17.69 -15.52 -1.92
CA GLU A 252 -17.30 -16.78 -1.31
CA GLU A 252 -17.32 -16.77 -1.28
C GLU A 252 -15.86 -16.74 -0.82
N PHE A 253 -14.98 -16.10 -1.60
CA PHE A 253 -13.59 -15.95 -1.19
C PHE A 253 -13.48 -15.07 0.05
N LEU A 254 -14.18 -13.94 0.06
CA LEU A 254 -14.14 -13.06 1.22
C LEU A 254 -14.62 -13.79 2.47
N ALA A 255 -15.74 -14.50 2.36
CA ALA A 255 -16.28 -15.25 3.51
C ALA A 255 -15.30 -16.33 3.96
N TYR A 256 -14.72 -17.06 3.04
CA TYR A 256 -13.81 -18.15 3.41
C TYR A 256 -12.62 -17.56 4.13
N TYR A 257 -12.00 -16.53 3.55
CA TYR A 257 -10.80 -15.96 4.15
C TYR A 257 -11.09 -15.40 5.54
N PHE A 258 -12.21 -14.69 5.69
CA PHE A 258 -12.54 -14.11 6.99
C PHE A 258 -12.83 -15.18 8.03
N ASN A 259 -13.49 -16.25 7.59
CA ASN A 259 -13.86 -17.33 8.53
C ASN A 259 -12.60 -18.07 8.95
N ARG A 260 -11.74 -18.37 7.98
CA ARG A 260 -10.47 -19.03 8.31
C ARG A 260 -9.68 -18.12 9.28
N ALA A 261 -9.83 -16.79 9.17
CA ALA A 261 -9.11 -15.83 10.04
C ALA A 261 -9.68 -15.93 11.46
N VAL A 262 -11.00 -16.13 11.58
CA VAL A 262 -11.64 -16.22 12.91
C VAL A 262 -11.24 -17.56 13.56
N GLU A 263 -10.87 -18.52 12.76
CA GLU A 263 -10.42 -19.82 13.30
C GLU A 263 -8.96 -19.69 13.74
N TRP A 264 -8.17 -18.89 13.02
CA TRP A 264 -6.73 -18.74 13.35
C TRP A 264 -6.55 -17.74 14.48
N ASN A 265 -7.60 -17.01 14.80
CA ASN A 265 -7.52 -15.91 15.81
C ASN A 265 -6.54 -14.85 15.28
N LYS A 266 -6.65 -14.49 14.01
CA LYS A 266 -5.76 -13.46 13.41
C LYS A 266 -6.58 -12.43 12.64
N GLU A 267 -6.33 -11.14 12.87
CA GLU A 267 -7.04 -10.09 12.11
C GLU A 267 -6.33 -9.98 10.76
N VAL A 268 -7.03 -10.32 9.69
CA VAL A 268 -6.38 -10.39 8.35
C VAL A 268 -6.83 -9.23 7.46
N VAL A 269 -6.10 -9.01 6.37
CA VAL A 269 -6.40 -7.94 5.44
C VAL A 269 -6.42 -8.52 4.02
N THR A 270 -7.38 -8.06 3.22
CA THR A 270 -7.35 -8.28 1.78
C THR A 270 -7.49 -6.93 1.10
N THR A 271 -6.94 -6.81 -0.10
CA THR A 271 -6.85 -5.53 -0.78
C THR A 271 -7.48 -5.62 -2.17
N HIS A 272 -7.76 -4.43 -2.70
CA HIS A 272 -8.29 -4.28 -4.07
C HIS A 272 -7.75 -2.94 -4.60
N LYS A 273 -7.35 -2.91 -5.87
CA LYS A 273 -6.94 -1.64 -6.52
C LYS A 273 -8.13 -0.68 -6.44
N HIS A 274 -7.86 0.60 -6.17
CA HIS A 274 -8.94 1.61 -5.98
C HIS A 274 -9.91 1.64 -7.16
N PHE A 275 -9.43 1.24 -8.34
CA PHE A 275 -10.29 1.23 -9.56
C PHE A 275 -11.20 -0.02 -9.51
N ASP A 276 -10.64 -1.19 -9.21
CA ASP A 276 -11.44 -2.44 -9.08
C ASP A 276 -12.51 -2.26 -8.01
N VAL A 277 -13.77 -2.41 -8.40
CA VAL A 277 -14.90 -2.27 -7.44
C VAL A 277 -15.36 -3.68 -7.05
N GLY A 278 -14.56 -4.69 -7.40
CA GLY A 278 -14.87 -6.07 -7.02
C GLY A 278 -15.14 -6.20 -5.55
N PHE A 279 -14.39 -5.51 -4.71
CA PHE A 279 -14.62 -5.54 -3.25
C PHE A 279 -14.99 -4.13 -2.80
N ARG A 280 -15.59 -3.99 -1.62
CA ARG A 280 -15.81 -2.67 -1.02
CA ARG A 280 -15.87 -2.63 -1.06
C ARG A 280 -14.93 -2.27 0.14
N ASP A 281 -14.76 -0.97 0.39
CA ASP A 281 -13.86 -0.49 1.47
C ASP A 281 -14.52 -0.75 2.82
N THR A 282 -15.66 -1.43 2.82
CA THR A 282 -16.30 -1.80 4.12
C THR A 282 -15.43 -2.85 4.82
N SER A 283 -14.88 -3.79 4.06
CA SER A 283 -14.09 -4.90 4.64
C SER A 283 -12.74 -5.03 3.92
N THR A 284 -12.55 -4.30 2.84
CA THR A 284 -11.31 -4.46 2.04
C THR A 284 -10.55 -3.13 1.98
N VAL A 285 -9.26 -3.20 1.63
CA VAL A 285 -8.40 -2.01 1.61
C VAL A 285 -8.18 -1.56 0.17
N SER A 286 -8.45 -0.28 -0.09
CA SER A 286 -8.19 0.29 -1.44
C SER A 286 -6.68 0.49 -1.67
N ASP A 287 -6.15 -0.11 -2.73
CA ASP A 287 -4.70 -0.02 -3.02
C ASP A 287 -4.46 0.94 -4.19
N TYR A 288 -3.61 1.93 -3.98
CA TYR A 288 -3.21 2.88 -5.04
C TYR A 288 -1.87 2.40 -5.62
N GLU A 289 -1.84 2.19 -6.93
CA GLU A 289 -0.62 1.66 -7.57
C GLU A 289 0.31 2.80 -7.97
N ARG A 290 1.60 2.63 -7.73
CA ARG A 290 2.61 3.62 -8.15
C ARG A 290 2.08 5.02 -7.87
N GLY A 291 1.60 5.26 -6.65
CA GLY A 291 1.15 6.60 -6.29
C GLY A 291 0.27 6.61 -5.05
N GLY A 292 -0.41 7.72 -4.84
CA GLY A 292 -1.30 7.85 -3.68
C GLY A 292 -2.10 9.12 -3.72
N PRO A 293 -3.12 9.22 -2.86
CA PRO A 293 -3.93 10.41 -2.75
C PRO A 293 -3.10 11.68 -2.58
N ALA A 294 -3.71 12.83 -2.88
CA ALA A 294 -3.01 14.12 -2.77
C ALA A 294 -3.37 14.77 -1.44
N ASN A 295 -4.50 14.39 -0.87
CA ASN A 295 -4.86 14.90 0.47
C ASN A 295 -5.06 13.72 1.41
N ILE A 296 -5.50 13.99 2.63
CA ILE A 296 -5.77 12.90 3.62
C ILE A 296 -7.00 12.13 3.16
N THR A 297 -6.80 10.84 2.91
CA THR A 297 -7.89 9.98 2.40
C THR A 297 -8.28 8.98 3.48
N ARG A 298 -9.55 9.03 3.85
CA ARG A 298 -10.11 8.09 4.84
C ARG A 298 -11.34 7.44 4.20
N PRO A 299 -11.45 6.09 4.16
CA PRO A 299 -10.91 5.26 5.20
C PRO A 299 -9.45 4.88 4.92
N TYR A 300 -8.83 4.13 5.85
CA TYR A 300 -7.39 3.78 5.71
C TYR A 300 -7.15 3.12 4.36
N TRP A 301 -5.99 3.35 3.78
CA TRP A 301 -5.68 2.86 2.43
C TRP A 301 -4.27 2.35 2.34
N LEU A 302 -3.92 1.81 1.18
CA LEU A 302 -2.61 1.25 0.97
C LEU A 302 -2.05 1.77 -0.36
N THR A 303 -0.73 1.81 -0.46
CA THR A 303 -0.04 2.14 -1.72
C THR A 303 0.88 1.01 -2.05
N ASP A 304 0.78 0.47 -3.25
CA ASP A 304 1.76 -0.55 -3.67
C ASP A 304 2.67 0.13 -4.69
N ASP A 305 3.97 0.14 -4.44
CA ASP A 305 4.92 0.77 -5.38
C ASP A 305 6.04 -0.20 -5.73
N ALA A 306 6.81 0.15 -6.74
CA ALA A 306 7.91 -0.68 -7.17
C ALA A 306 9.22 0.09 -7.05
N ILE A 307 10.30 -0.66 -6.80
CA ILE A 307 11.63 -0.07 -6.72
C ILE A 307 12.13 0.44 -8.06
N SER A 308 11.41 0.09 -9.15
CA SER A 308 11.76 0.56 -10.52
C SER A 308 10.54 1.17 -11.19
N ALA A 309 10.72 2.16 -12.04
CA ALA A 309 9.58 2.82 -12.72
C ALA A 309 9.17 2.04 -13.96
N SER A 310 9.97 1.06 -14.34
CA SER A 310 9.75 0.30 -15.60
C SER A 310 9.04 -1.03 -15.38
N SER A 311 9.58 -1.91 -14.53
CA SER A 311 9.00 -3.25 -14.33
C SER A 311 8.85 -3.55 -12.85
N TRP A 312 8.08 -4.58 -12.54
CA TRP A 312 7.96 -5.06 -11.15
C TRP A 312 8.87 -6.27 -11.06
N SER A 313 9.33 -6.76 -12.21
CA SER A 313 10.24 -7.92 -12.27
C SER A 313 11.59 -7.47 -12.85
N TYR A 314 12.62 -8.27 -12.66
CA TYR A 314 13.99 -7.85 -13.07
C TYR A 314 14.19 -7.97 -14.58
N THR A 315 14.89 -7.00 -15.17
CA THR A 315 15.23 -6.99 -16.60
C THR A 315 16.65 -6.45 -16.74
N VAL A 316 17.46 -7.04 -17.63
CA VAL A 316 18.81 -6.49 -17.90
C VAL A 316 18.69 -4.99 -18.23
N GLY A 317 19.38 -4.16 -17.46
CA GLY A 317 19.37 -2.70 -17.70
C GLY A 317 18.34 -1.98 -16.89
N ILE A 318 17.70 -2.71 -15.98
CA ILE A 318 16.69 -2.07 -15.09
C ILE A 318 17.37 -0.98 -14.28
N GLN A 319 16.67 0.13 -14.12
CA GLN A 319 17.22 1.22 -13.28
C GLN A 319 16.27 1.37 -12.11
N TYR A 320 16.75 1.94 -11.02
CA TYR A 320 15.92 1.95 -9.79
C TYR A 320 15.70 3.36 -9.28
N TYR A 321 14.67 3.52 -8.47
CA TYR A 321 14.43 4.83 -7.82
C TYR A 321 15.50 5.09 -6.74
N SER A 322 15.49 6.28 -6.16
CA SER A 322 16.49 6.67 -5.15
C SER A 322 15.94 6.35 -3.77
N SER A 323 16.84 6.23 -2.79
CA SER A 323 16.41 5.99 -1.40
C SER A 323 15.57 7.16 -0.91
N LYS A 324 15.86 8.38 -1.35
CA LYS A 324 15.12 9.58 -0.89
C LYS A 324 13.68 9.52 -1.39
N ALA A 325 13.49 9.11 -2.63
CA ALA A 325 12.13 9.08 -3.22
C ALA A 325 11.27 8.12 -2.40
N MET A 326 11.79 6.93 -2.16
CA MET A 326 11.06 5.92 -1.38
C MET A 326 10.79 6.44 0.03
N VAL A 327 11.79 7.04 0.69
CA VAL A 327 11.56 7.45 2.07
C VAL A 327 10.58 8.62 2.13
N HIS A 328 10.75 9.58 1.22
CA HIS A 328 9.86 10.77 1.22
C HIS A 328 8.45 10.34 0.84
N SER A 329 8.32 9.40 -0.10
CA SER A 329 6.98 8.92 -0.52
C SER A 329 6.30 8.19 0.65
N LEU A 330 7.06 7.36 1.38
CA LEU A 330 6.52 6.67 2.58
C LEU A 330 6.00 7.69 3.59
N LEU A 331 6.75 8.76 3.81
CA LEU A 331 6.35 9.80 4.79
C LEU A 331 5.06 10.50 4.34
N ASP A 332 4.85 10.70 3.05
CA ASP A 332 3.66 11.43 2.55
C ASP A 332 2.44 10.50 2.68
N ARG A 333 2.62 9.23 2.32
CA ARG A 333 1.53 8.22 2.38
C ARG A 333 1.04 8.05 3.83
N ILE A 334 1.96 7.93 4.78
CA ILE A 334 1.59 7.70 6.21
C ILE A 334 1.00 9.01 6.76
N SER A 335 1.45 10.13 6.24
CA SER A 335 0.86 11.43 6.64
C SER A 335 -0.60 11.51 6.17
N LYS A 336 -0.94 10.78 5.10
CA LYS A 336 -2.30 10.86 4.52
C LYS A 336 -3.12 9.58 4.82
N ASN A 337 -2.96 8.96 6.01
CA ASN A 337 -3.74 7.77 6.48
C ASN A 337 -3.59 6.57 5.55
N GLY A 338 -2.36 6.22 5.24
CA GLY A 338 -2.09 5.06 4.39
C GLY A 338 -0.81 4.37 4.73
N ASN A 339 -0.55 3.24 4.06
CA ASN A 339 0.69 2.48 4.26
C ASN A 339 1.42 2.39 2.93
N MET A 340 2.60 1.78 2.91
CA MET A 340 3.35 1.61 1.65
C MET A 340 3.90 0.20 1.51
N LEU A 341 3.63 -0.41 0.37
CA LEU A 341 4.12 -1.75 0.07
C LEU A 341 5.08 -1.62 -1.11
N LEU A 342 6.37 -1.74 -0.85
CA LEU A 342 7.39 -1.58 -1.87
CA LEU A 342 7.39 -1.58 -1.87
C LEU A 342 7.73 -2.93 -2.50
N ASN A 343 7.83 -2.95 -3.82
CA ASN A 343 8.16 -4.15 -4.57
C ASN A 343 9.65 -4.14 -4.92
N ILE A 344 10.33 -5.26 -4.70
CA ILE A 344 11.70 -5.46 -5.15
C ILE A 344 11.71 -6.52 -6.23
N SER A 345 12.81 -6.56 -6.98
CA SER A 345 12.89 -7.35 -8.20
C SER A 345 14.14 -8.24 -8.18
N PRO A 346 14.03 -9.44 -7.65
CA PRO A 346 15.16 -10.37 -7.71
C PRO A 346 15.37 -10.88 -9.13
N THR A 347 16.60 -11.29 -9.41
CA THR A 347 16.95 -11.85 -10.71
C THR A 347 16.34 -13.21 -10.86
N ALA A 348 16.34 -13.72 -12.09
CA ALA A 348 15.69 -15.01 -12.35
C ALA A 348 16.32 -16.12 -11.52
N VAL A 349 17.59 -15.96 -11.18
CA VAL A 349 18.33 -16.97 -10.37
C VAL A 349 18.16 -16.71 -8.86
N GLY A 350 17.39 -15.70 -8.47
CA GLY A 350 17.10 -15.46 -7.08
C GLY A 350 18.09 -14.57 -6.36
N VAL A 351 18.75 -13.68 -7.09
CA VAL A 351 19.74 -12.75 -6.47
C VAL A 351 19.15 -11.34 -6.44
N LEU A 352 19.26 -10.65 -5.30
CA LEU A 352 18.79 -9.25 -5.21
C LEU A 352 19.97 -8.34 -5.58
N PRO A 353 19.90 -7.58 -6.67
CA PRO A 353 21.01 -6.71 -7.16
C PRO A 353 21.46 -5.70 -6.10
N ASP A 354 22.73 -5.29 -6.15
CA ASP A 354 23.32 -4.41 -5.10
C ASP A 354 22.61 -3.05 -4.96
N GLU A 355 22.06 -2.53 -6.05
CA GLU A 355 21.43 -1.19 -5.93
C GLU A 355 20.12 -1.33 -5.16
N GLN A 356 19.38 -2.43 -5.35
CA GLN A 356 18.19 -2.68 -4.56
C GLN A 356 18.54 -2.92 -3.10
N LEU A 357 19.65 -3.60 -2.87
CA LEU A 357 20.14 -3.83 -1.49
C LEU A 357 20.47 -2.49 -0.82
N LYS A 358 21.06 -1.54 -1.55
CA LYS A 358 21.35 -0.21 -0.98
C LYS A 358 20.07 0.56 -0.68
N VAL A 359 19.10 0.52 -1.58
CA VAL A 359 17.81 1.23 -1.30
C VAL A 359 17.23 0.63 -0.02
N LEU A 360 17.18 -0.70 0.04
CA LEU A 360 16.60 -1.32 1.23
C LEU A 360 17.37 -0.94 2.49
N GLN A 361 18.70 -0.85 2.42
CA GLN A 361 19.50 -0.56 3.63
C GLN A 361 19.38 0.92 4.00
N ASP A 362 19.21 1.79 3.01
CA ASP A 362 18.99 3.23 3.34
C ASP A 362 17.64 3.37 4.02
N ILE A 363 16.61 2.72 3.48
CA ILE A 363 15.29 2.72 4.11
C ILE A 363 15.39 2.17 5.53
N GLY A 364 16.17 1.09 5.70
CA GLY A 364 16.32 0.50 7.02
C GLY A 364 17.05 1.40 7.99
N ASP A 365 18.07 2.12 7.52
CA ASP A 365 18.72 3.12 8.36
C ASP A 365 17.72 4.14 8.86
N PHE A 366 16.96 4.74 7.96
CA PHE A 366 15.99 5.79 8.38
C PHE A 366 14.97 5.20 9.35
N LEU A 367 14.47 3.99 9.09
CA LEU A 367 13.36 3.49 9.96
C LEU A 367 13.90 3.04 11.34
N GLY A 368 15.06 2.40 11.36
CA GLY A 368 15.68 1.98 12.64
C GLY A 368 16.01 3.18 13.51
N ARG A 369 16.20 4.33 12.89
CA ARG A 369 16.55 5.56 13.64
C ARG A 369 15.29 6.35 14.01
N TYR A 370 14.29 6.39 13.13
CA TYR A 370 13.15 7.28 13.49
C TYR A 370 11.79 6.52 13.54
N GLY A 371 11.78 5.21 13.76
CA GLY A 371 10.55 4.41 13.83
C GLY A 371 9.48 5.00 14.72
N GLU A 372 9.87 5.60 15.83
CA GLU A 372 8.92 6.21 16.77
C GLU A 372 7.98 7.15 16.02
N SER A 373 8.48 7.80 14.98
CA SER A 373 7.71 8.81 14.21
C SER A 373 6.78 8.17 13.19
N VAL A 374 7.12 6.98 12.73
CA VAL A 374 6.32 6.30 11.66
C VAL A 374 5.46 5.20 12.26
N PHE A 375 6.06 4.18 12.87
CA PHE A 375 5.30 3.00 13.36
C PHE A 375 4.39 3.34 14.54
N SER A 376 3.19 2.75 14.55
CA SER A 376 2.18 2.94 15.63
C SER A 376 1.73 4.40 15.71
N THR A 377 1.99 5.18 14.66
CA THR A 377 1.49 6.55 14.59
C THR A 377 0.26 6.61 13.70
N ARG A 378 -0.48 7.70 13.83
CA ARG A 378 -1.66 7.94 13.02
C ARG A 378 -1.51 9.26 12.26
N ALA A 379 -2.30 9.40 11.20
CA ALA A 379 -2.28 10.63 10.43
C ALA A 379 -2.93 11.76 11.20
N TRP A 380 -2.36 12.95 11.11
CA TRP A 380 -2.98 14.12 11.76
C TRP A 380 -4.12 14.61 10.86
N ASP A 381 -4.73 15.72 11.23
CA ASP A 381 -5.81 16.31 10.41
C ASP A 381 -5.19 17.14 9.28
N ILE A 382 -3.89 17.48 9.37
CA ILE A 382 -3.19 18.20 8.30
C ILE A 382 -1.96 17.39 7.96
N TYR A 383 -1.85 16.98 6.69
CA TYR A 383 -0.82 16.00 6.35
C TYR A 383 0.57 16.61 6.32
N GLY A 384 0.62 17.90 5.99
CA GLY A 384 1.94 18.53 5.87
C GLY A 384 1.91 19.97 5.44
N GLU A 385 3.10 20.55 5.31
CA GLU A 385 3.26 21.96 4.88
C GLU A 385 4.47 21.96 3.95
N GLY A 386 4.50 22.85 2.98
CA GLY A 386 5.60 22.83 2.02
C GLY A 386 5.21 23.02 0.57
N PRO A 387 6.17 23.38 -0.29
CA PRO A 387 5.90 23.58 -1.71
C PRO A 387 5.80 22.28 -2.53
N ASN A 388 6.48 21.25 -2.09
CA ASN A 388 6.54 19.97 -2.84
C ASN A 388 5.38 19.05 -2.45
N GLN A 389 4.47 18.80 -3.38
CA GLN A 389 3.33 17.94 -3.15
C GLN A 389 3.16 17.00 -4.34
N VAL A 390 2.63 15.82 -4.08
CA VAL A 390 2.41 14.82 -5.15
C VAL A 390 1.17 15.21 -5.97
N THR A 391 1.12 14.79 -7.23
CA THR A 391 0.00 15.15 -8.16
C THR A 391 -1.32 14.62 -7.63
N GLY A 392 -1.37 13.36 -7.23
CA GLY A 392 -2.59 12.79 -6.66
C GLY A 392 -3.06 11.60 -7.46
N GLY A 393 -3.30 10.48 -6.80
CA GLY A 393 -3.84 9.31 -7.52
C GLY A 393 -2.80 8.28 -7.81
N SER A 394 -3.20 7.24 -8.51
CA SER A 394 -2.26 6.17 -8.87
C SER A 394 -1.42 6.60 -10.09
N PHE A 395 -0.33 5.90 -10.33
CA PHE A 395 0.58 6.24 -11.46
C PHE A 395 1.04 7.70 -11.37
N THR A 396 1.40 8.15 -10.16
CA THR A 396 1.92 9.51 -9.98
C THR A 396 3.39 9.43 -9.60
N ALA A 397 4.11 10.56 -9.65
CA ALA A 397 5.55 10.54 -9.38
C ALA A 397 5.86 10.40 -7.88
N PRO A 398 6.88 9.63 -7.50
CA PRO A 398 7.31 9.54 -6.08
C PRO A 398 7.68 10.91 -5.55
N LEU A 399 7.30 11.21 -4.31
CA LEU A 399 7.66 12.52 -3.69
C LEU A 399 9.15 12.64 -3.45
N GLN A 400 9.71 13.78 -3.78
CA GLN A 400 11.13 14.08 -3.47
C GLN A 400 11.05 15.51 -2.97
N GLY A 401 11.11 15.70 -1.66
CA GLY A 401 10.95 17.03 -1.08
C GLY A 401 12.27 17.61 -0.59
N ASN A 402 12.19 18.61 0.27
CA ASN A 402 13.40 19.28 0.76
C ASN A 402 13.13 19.92 2.13
N SER A 403 14.07 20.72 2.63
CA SER A 403 13.99 21.36 3.97
C SER A 403 12.74 22.23 4.14
N SER A 404 12.09 22.61 3.05
CA SER A 404 10.89 23.43 3.19
C SER A 404 9.64 22.58 3.35
N ASP A 405 9.80 21.26 3.25
CA ASP A 405 8.65 20.33 3.31
C ASP A 405 8.53 19.65 4.68
N ILE A 406 7.35 19.67 5.25
CA ILE A 406 7.08 19.01 6.55
C ILE A 406 6.00 17.94 6.36
N ARG A 407 6.17 16.80 7.02
CA ARG A 407 5.16 15.73 6.99
C ARG A 407 4.78 15.39 8.43
N PHE A 408 3.49 15.43 8.73
CA PHE A 408 3.04 15.27 10.13
C PHE A 408 2.50 13.87 10.45
N THR A 409 2.80 13.39 11.65
CA THR A 409 2.27 12.11 12.18
C THR A 409 1.98 12.36 13.66
N ARG A 410 1.11 11.57 14.30
CA ARG A 410 0.78 11.74 15.70
C ARG A 410 0.66 10.37 16.35
N ASN A 411 0.87 10.35 17.68
CA ASN A 411 0.65 9.14 18.42
C ASN A 411 -0.85 8.88 18.59
N LYS A 412 -1.18 7.68 19.08
CA LYS A 412 -2.58 7.31 19.20
C LYS A 412 -3.30 8.14 20.26
N ASP A 413 -2.61 8.54 21.32
CA ASP A 413 -3.21 9.39 22.34
C ASP A 413 -3.41 10.82 21.88
N ALA A 414 -2.90 11.19 20.70
CA ALA A 414 -3.07 12.52 20.11
C ALA A 414 -2.50 13.62 21.00
N ASN A 415 -1.38 13.34 21.69
CA ASN A 415 -0.71 14.37 22.47
C ASN A 415 0.77 14.50 22.11
N VAL A 416 1.21 13.86 21.02
CA VAL A 416 2.57 14.00 20.50
C VAL A 416 2.46 14.20 19.00
N LEU A 417 3.18 15.19 18.47
CA LEU A 417 3.16 15.53 17.05
C LEU A 417 4.56 15.38 16.48
N TYR A 418 4.72 14.49 15.50
CA TYR A 418 5.98 14.30 14.81
C TYR A 418 5.96 15.07 13.50
N ALA A 419 6.80 16.08 13.39
CA ALA A 419 6.96 16.88 12.18
C ALA A 419 8.29 16.51 11.55
N THR A 420 8.23 15.91 10.38
CA THR A 420 9.45 15.47 9.72
C THR A 420 9.78 16.41 8.57
N VAL A 421 10.98 16.99 8.61
CA VAL A 421 11.43 17.91 7.54
C VAL A 421 12.15 17.04 6.51
N LEU A 422 11.92 17.29 5.22
CA LEU A 422 12.46 16.44 4.14
C LEU A 422 13.88 16.85 3.79
N GLY A 423 14.46 17.68 4.64
CA GLY A 423 15.87 18.03 4.49
C GLY A 423 16.33 18.82 5.68
N TRP A 424 17.59 19.17 5.69
CA TRP A 424 18.10 20.03 6.75
C TRP A 424 18.06 21.48 6.28
N PRO A 425 17.34 22.36 6.96
CA PRO A 425 17.33 23.78 6.57
C PRO A 425 18.68 24.43 6.85
N ASP A 426 19.20 25.13 5.84
CA ASP A 426 20.51 25.75 5.97
C ASP A 426 20.53 26.84 7.03
N ASP A 427 19.38 27.42 7.36
CA ASP A 427 19.29 28.41 8.43
C ASP A 427 18.91 27.78 9.76
N LYS A 428 18.81 26.45 9.82
CA LYS A 428 18.49 25.72 11.05
C LYS A 428 17.18 26.22 11.66
N HIS A 429 16.22 26.44 10.77
CA HIS A 429 14.91 26.95 11.22
C HIS A 429 13.78 26.12 10.61
N VAL A 430 12.70 25.93 11.35
CA VAL A 430 11.52 25.21 10.92
C VAL A 430 10.28 26.02 11.30
N SER A 431 9.41 26.26 10.34
CA SER A 431 8.19 27.03 10.55
C SER A 431 6.98 26.13 10.34
N ILE A 432 6.15 26.01 11.37
CA ILE A 432 4.94 25.20 11.31
C ILE A 432 3.77 26.18 11.26
N ALA A 433 3.23 26.40 10.05
CA ALA A 433 2.22 27.42 9.88
C ALA A 433 0.92 27.06 10.59
N SER A 434 0.58 25.78 10.62
CA SER A 434 -0.65 25.33 11.25
C SER A 434 -0.62 25.40 12.78
N LEU A 435 0.50 25.81 13.39
CA LEU A 435 0.52 25.95 14.87
C LEU A 435 0.77 27.42 15.21
N GLY A 436 0.43 28.30 14.29
CA GLY A 436 0.57 29.74 14.53
C GLY A 436 -0.64 30.31 15.24
N SER A 437 -0.59 31.60 15.56
CA SER A 437 -1.70 32.25 16.30
C SER A 437 -2.87 32.42 15.33
N ASP A 438 -2.59 32.68 14.07
CA ASP A 438 -3.69 32.76 13.11
C ASP A 438 -4.45 31.45 13.01
N ALA A 439 -3.85 30.34 13.42
CA ALA A 439 -4.53 29.05 13.43
C ALA A 439 -5.40 28.85 14.67
N LEU A 440 -5.52 29.89 15.50
CA LEU A 440 -6.36 29.83 16.74
C LEU A 440 -5.85 28.69 17.61
N VAL A 441 -4.53 28.55 17.71
CA VAL A 441 -3.88 27.50 18.48
C VAL A 441 -3.19 28.15 19.68
N ASP A 442 -3.41 27.59 20.86
CA ASP A 442 -2.70 28.07 22.08
C ASP A 442 -1.67 27.02 22.47
N LEU A 443 -0.38 27.38 22.50
CA LEU A 443 0.68 26.38 22.77
C LEU A 443 1.06 26.39 24.25
N LYS A 444 0.19 26.91 25.08
CA LYS A 444 0.45 26.88 26.54
C LYS A 444 0.69 25.44 26.96
N SER A 445 -0.02 24.52 26.31
CA SER A 445 0.09 23.12 26.72
C SER A 445 1.30 22.42 26.10
N LEU A 446 2.08 23.16 25.33
CA LEU A 446 3.29 22.56 24.67
C LEU A 446 4.37 22.42 25.72
N LYS A 447 4.76 21.19 26.03
CA LYS A 447 5.72 20.98 27.13
C LYS A 447 7.14 20.76 26.59
N SER A 448 7.26 20.32 25.34
CA SER A 448 8.63 20.01 24.85
C SER A 448 8.73 19.83 23.34
N ILE A 449 9.72 20.46 22.74
CA ILE A 449 10.05 20.21 21.33
C ILE A 449 11.45 19.64 21.29
N GLU A 450 11.61 18.48 20.66
CA GLU A 450 12.89 17.79 20.59
C GLU A 450 13.22 17.45 19.14
N LEU A 451 14.50 17.19 18.90
CA LEU A 451 14.96 16.74 17.58
C LEU A 451 15.54 15.34 17.80
N LEU A 452 15.10 14.39 17.00
CA LEU A 452 15.58 13.00 17.16
C LEU A 452 17.03 12.93 16.70
N GLY A 453 17.84 12.16 17.42
CA GLY A 453 19.28 12.15 17.14
C GLY A 453 19.77 11.02 16.28
N ASP A 454 21.01 10.59 16.53
CA ASP A 454 21.65 9.58 15.66
C ASP A 454 21.11 8.18 15.91
N LYS A 455 20.66 7.91 17.12
CA LYS A 455 20.13 6.57 17.46
C LYS A 455 18.78 6.72 18.15
N ALA A 456 17.95 5.70 18.05
CA ALA A 456 16.61 5.73 18.67
C ALA A 456 16.71 5.95 20.17
N GLY A 457 15.89 6.86 20.68
CA GLY A 457 15.89 7.20 22.11
C GLY A 457 16.85 8.34 22.42
N GLU A 458 17.71 8.70 21.48
CA GLU A 458 18.59 9.89 21.67
C GLU A 458 17.81 11.12 21.18
N TYR A 459 17.49 12.05 22.07
CA TYR A 459 16.84 13.32 21.68
C TYR A 459 17.71 14.52 22.06
N GLU A 460 17.54 15.65 21.37
CA GLU A 460 18.23 16.89 21.77
C GLU A 460 17.19 17.99 21.81
N GLN A 461 17.11 18.66 22.96
CA GLN A 461 16.12 19.72 23.13
C GLN A 461 16.31 20.80 22.08
N VAL A 462 15.19 21.38 21.65
CA VAL A 462 15.25 22.46 20.68
C VAL A 462 15.88 23.69 21.33
N SER A 463 16.59 24.47 20.52
CA SER A 463 17.29 25.64 21.04
C SER A 463 16.30 26.70 21.54
N ASP A 464 15.30 27.02 20.73
CA ASP A 464 14.34 28.06 21.05
C ASP A 464 13.16 27.93 20.10
N TRP A 465 11.98 28.38 20.57
CA TRP A 465 10.82 28.44 19.70
C TRP A 465 9.92 29.57 20.17
N LYS A 466 9.07 30.04 19.25
CA LYS A 466 8.18 31.15 19.54
C LYS A 466 6.99 31.09 18.60
N GLN A 467 5.81 31.34 19.16
CA GLN A 467 4.58 31.34 18.37
C GLN A 467 4.36 32.75 17.82
N THR A 468 4.48 32.90 16.51
CA THR A 468 4.11 34.11 15.82
C THR A 468 2.70 33.96 15.25
N LYS A 469 2.17 35.03 14.68
CA LYS A 469 0.78 34.92 14.19
C LYS A 469 0.79 34.03 12.95
N ASP A 470 1.78 34.21 12.09
CA ASP A 470 1.84 33.48 10.81
C ASP A 470 2.21 32.01 11.04
N ALA A 471 2.96 31.70 12.09
CA ALA A 471 3.42 30.31 12.26
C ALA A 471 4.17 30.10 13.57
N LEU A 472 4.43 28.85 13.91
CA LEU A 472 5.27 28.53 15.05
C LEU A 472 6.70 28.38 14.55
N GLU A 473 7.59 29.27 15.02
CA GLU A 473 8.98 29.28 14.58
C GLU A 473 9.83 28.47 15.55
N ILE A 474 10.74 27.67 14.99
CA ILE A 474 11.55 26.72 15.74
C ILE A 474 12.99 26.85 15.26
N SER A 475 13.91 27.07 16.19
CA SER A 475 15.33 27.17 15.89
CA SER A 475 15.33 27.17 15.89
C SER A 475 15.98 25.83 16.21
N LEU A 476 16.57 25.25 15.19
CA LEU A 476 16.98 23.84 15.33
C LEU A 476 18.31 23.76 16.07
N PRO A 477 18.57 22.65 16.76
CA PRO A 477 19.87 22.41 17.41
C PRO A 477 20.87 21.97 16.36
N ALA A 478 22.07 21.59 16.76
CA ALA A 478 23.11 21.23 15.78
C ALA A 478 22.69 20.01 14.95
N LYS A 479 23.03 20.02 13.65
CA LYS A 479 22.58 18.93 12.77
C LYS A 479 23.09 17.61 13.31
N PRO A 480 22.20 16.61 13.42
CA PRO A 480 22.61 15.32 13.89
C PRO A 480 23.28 14.60 12.72
N ALA A 481 23.43 13.29 12.83
CA ALA A 481 24.04 12.49 11.78
C ALA A 481 23.24 12.65 10.50
N GLU A 482 23.88 12.51 9.36
CA GLU A 482 23.19 12.75 8.08
C GLU A 482 22.04 11.75 7.92
N SER A 483 20.93 12.21 7.37
CA SER A 483 19.78 11.35 7.11
C SER A 483 18.90 11.99 6.05
N LEU A 484 18.07 11.19 5.39
CA LEU A 484 17.21 11.66 4.27
C LEU A 484 16.14 12.61 4.81
N ALA A 485 15.87 12.58 6.11
CA ALA A 485 14.92 13.53 6.72
C ALA A 485 15.21 13.67 8.21
N TYR A 486 14.65 14.70 8.82
CA TYR A 486 14.96 15.01 10.23
C TYR A 486 13.63 15.15 10.95
N VAL A 487 13.52 14.56 12.14
CA VAL A 487 12.20 14.49 12.81
C VAL A 487 12.15 15.34 14.07
N LEU A 488 11.12 16.17 14.18
CA LEU A 488 10.89 16.95 15.41
C LEU A 488 9.74 16.29 16.17
N LYS A 489 9.90 16.11 17.47
CA LYS A 489 8.87 15.54 18.32
C LYS A 489 8.36 16.62 19.26
N LEU A 490 7.09 16.98 19.11
CA LEU A 490 6.45 18.00 19.94
C LEU A 490 5.54 17.27 20.93
N THR A 491 5.96 17.24 22.19
CA THR A 491 5.19 16.62 23.25
C THR A 491 4.31 17.68 23.90
N PHE A 492 2.99 17.49 23.79
CA PHE A 492 1.99 18.37 24.36
C PHE A 492 1.43 17.78 25.66
N ASP A 493 0.71 18.59 26.40
CA ASP A 493 0.06 18.09 27.64
C ASP A 493 -1.41 18.35 27.48
N GLY A 494 -2.21 17.28 27.47
CA GLY A 494 -3.65 17.49 27.22
C GLY A 494 -3.99 17.42 25.76
N GLY A 495 -3.16 16.79 24.96
CA GLY A 495 -3.55 16.60 23.55
C GLY A 495 -3.07 17.70 22.63
N ILE A 496 -3.08 17.40 21.34
CA ILE A 496 -2.55 18.38 20.35
C ILE A 496 -3.67 19.40 20.07
N PRO A 497 -3.39 20.72 20.09
CA PRO A 497 -4.41 21.72 19.79
C PRO A 497 -5.00 21.51 18.41
N VAL A 498 -6.26 21.93 18.25
CA VAL A 498 -6.99 21.76 17.01
C VAL A 498 -6.80 23.02 16.17
N PRO A 499 -6.03 22.97 15.09
CA PRO A 499 -5.80 24.18 14.29
C PRO A 499 -6.99 24.53 13.40
N GLN A 500 -7.12 25.83 13.13
CA GLN A 500 -8.16 26.33 12.25
C GLN A 500 -7.56 26.58 10.88
N PRO A 501 -7.98 25.86 9.84
CA PRO A 501 -7.40 26.08 8.51
C PRO A 501 -7.74 27.46 7.97
N LYS A 502 -6.89 27.98 7.09
CA LYS A 502 -7.18 29.29 6.45
C LYS A 502 -8.45 29.14 5.61
N ILE A 503 -8.55 28.05 4.85
CA ILE A 503 -9.76 27.79 4.01
C ILE A 503 -10.33 26.42 4.40
N GLY A 504 -11.24 26.40 5.36
CA GLY A 504 -11.81 25.14 5.85
C GLY A 504 -12.57 25.38 7.13
N ALA A 505 -12.61 24.38 8.00
CA ALA A 505 -13.26 24.60 9.31
C ALA A 505 -12.80 23.57 10.35
N SER A 506 -13.28 23.73 11.57
CA SER A 506 -12.90 22.83 12.66
C SER A 506 -14.14 22.50 13.48
N VAL A 507 -14.29 21.21 13.78
CA VAL A 507 -15.49 20.73 14.54
C VAL A 507 -15.01 20.20 15.89
N PHE A 508 -15.85 20.31 16.92
CA PHE A 508 -15.45 19.89 18.29
C PHE A 508 -16.64 19.23 19.00
N SER A 509 -16.39 18.18 19.77
CA SER A 509 -17.46 17.52 20.55
C SER A 509 -17.64 18.26 21.87
N ALA A 510 -18.03 19.54 21.81
CA ALA A 510 -18.16 20.35 23.03
C ALA A 510 -18.95 21.61 22.71
N THR A 511 -19.36 22.37 23.74
CA THR A 511 -20.21 23.56 23.46
C THR A 511 -19.36 24.69 22.92
N SER A 512 -18.04 24.54 23.01
CA SER A 512 -17.14 25.62 22.55
C SER A 512 -15.98 25.02 21.73
N ALA A 513 -15.07 25.86 21.27
CA ALA A 513 -13.88 25.38 20.55
C ALA A 513 -12.88 24.91 21.60
N THR A 514 -13.25 23.90 22.37
CA THR A 514 -12.36 23.36 23.40
C THR A 514 -12.45 21.84 23.38
N GLY A 515 -11.40 21.17 23.80
CA GLY A 515 -11.44 19.69 23.87
C GLY A 515 -11.18 19.03 22.53
N ARG A 516 -11.48 17.73 22.45
CA ARG A 516 -11.23 16.98 21.19
C ARG A 516 -11.91 17.69 20.03
N GLY A 517 -11.22 17.78 18.89
CA GLY A 517 -11.77 18.43 17.71
C GLY A 517 -11.15 17.86 16.46
N VAL A 518 -11.75 18.11 15.31
CA VAL A 518 -11.13 17.66 14.03
C VAL A 518 -11.04 18.87 13.11
N SER A 519 -9.87 19.08 12.52
CA SER A 519 -9.65 20.22 11.59
C SER A 519 -9.88 19.71 10.16
N LEU A 520 -10.75 20.41 9.42
CA LEU A 520 -11.12 19.91 8.08
C LEU A 520 -10.94 21.00 7.02
N GLY A 521 -10.26 20.67 5.94
CA GLY A 521 -10.08 21.59 4.80
C GLY A 521 -11.09 21.29 3.72
N LEU A 522 -10.82 21.75 2.50
CA LEU A 522 -11.78 21.60 1.38
C LEU A 522 -11.98 20.12 1.05
N GLY A 523 -13.21 19.65 1.12
CA GLY A 523 -13.49 18.26 0.72
C GLY A 523 -14.84 17.79 1.18
N ASP A 524 -15.09 16.48 1.05
CA ASP A 524 -16.34 15.90 1.60
C ASP A 524 -15.92 14.94 2.71
N PHE A 525 -16.54 15.08 3.88
CA PHE A 525 -16.13 14.25 5.03
C PHE A 525 -17.32 13.40 5.48
N SER A 526 -17.31 12.12 5.11
CA SER A 526 -18.37 11.17 5.51
C SER A 526 -18.27 10.91 7.01
N GLU A 527 -19.25 10.22 7.57
CA GLU A 527 -19.21 9.89 9.01
C GLU A 527 -18.04 8.93 9.21
N GLU A 528 -17.80 8.08 8.24
CA GLU A 528 -16.62 7.19 8.36
C GLU A 528 -15.40 8.10 8.50
N PHE A 529 -15.35 9.17 7.72
CA PHE A 529 -14.13 10.02 7.77
C PHE A 529 -14.04 10.63 9.16
N LEU A 530 -15.11 11.26 9.58
CA LEU A 530 -15.06 11.94 10.86
C LEU A 530 -14.82 10.96 12.00
N THR A 531 -15.40 9.76 11.91
CA THR A 531 -15.21 8.77 12.95
C THR A 531 -13.77 8.28 12.99
N GLU A 532 -13.17 8.03 11.82
CA GLU A 532 -11.77 7.63 11.79
C GLU A 532 -10.85 8.76 12.21
N ALA A 533 -11.28 10.02 12.05
CA ALA A 533 -10.51 11.15 12.53
C ALA A 533 -10.47 11.22 14.05
N GLY A 534 -11.42 10.59 14.73
CA GLY A 534 -11.44 10.57 16.18
C GLY A 534 -12.64 11.27 16.79
N LEU A 535 -13.64 11.60 15.98
CA LEU A 535 -14.85 12.29 16.48
C LEU A 535 -16.06 11.82 15.70
N LYS A 536 -16.87 10.92 16.28
CA LYS A 536 -18.08 10.46 15.63
C LYS A 536 -19.00 11.65 15.37
N PRO A 537 -19.62 11.75 14.19
CA PRO A 537 -20.39 12.95 13.85
C PRO A 537 -21.60 13.19 14.73
N ASP A 538 -22.14 12.15 15.37
CA ASP A 538 -23.29 12.32 16.24
C ASP A 538 -22.92 12.83 17.63
N THR A 539 -21.65 13.17 17.85
CA THR A 539 -21.21 13.76 19.11
C THR A 539 -20.64 15.17 18.92
N ILE A 540 -20.78 15.75 17.74
CA ILE A 540 -20.27 17.09 17.47
C ILE A 540 -21.29 18.11 17.95
N ARG A 541 -20.80 19.18 18.57
CA ARG A 541 -21.68 20.25 19.04
C ARG A 541 -21.19 21.64 18.71
N PHE A 542 -20.02 21.80 18.09
CA PHE A 542 -19.54 23.13 17.72
C PHE A 542 -18.81 23.06 16.39
N ILE A 543 -19.05 24.05 15.52
CA ILE A 543 -18.35 24.11 14.21
C ILE A 543 -17.84 25.53 14.01
N ARG A 544 -16.53 25.68 13.75
CA ARG A 544 -15.94 27.03 13.58
C ARG A 544 -15.50 27.13 12.13
N VAL A 545 -15.92 28.18 11.44
CA VAL A 545 -15.63 28.23 9.98
C VAL A 545 -14.60 29.30 9.67
N SER A 546 -13.69 29.00 8.75
CA SER A 546 -12.72 30.03 8.33
C SER A 546 -13.37 30.92 7.26
N SER A 547 -12.65 31.95 6.85
CA SER A 547 -13.20 32.96 5.89
C SER A 547 -13.79 32.33 4.64
N GLY A 548 -14.98 32.78 4.24
CA GLY A 548 -15.58 32.35 2.97
C GLY A 548 -15.50 30.85 2.74
N THR A 549 -15.63 30.06 3.79
CA THR A 549 -15.67 28.60 3.59
C THR A 549 -17.07 28.11 3.93
N LYS A 550 -17.92 27.87 2.92
CA LYS A 550 -19.29 27.49 3.22
C LYS A 550 -19.36 26.00 3.54
N LEU A 551 -20.05 25.66 4.62
CA LEU A 551 -20.15 24.27 5.07
C LEU A 551 -21.58 23.78 4.84
N THR A 552 -21.69 22.58 4.29
CA THR A 552 -22.97 21.90 4.09
C THR A 552 -23.04 20.74 5.07
N VAL A 553 -24.04 20.77 5.96
CA VAL A 553 -24.19 19.78 7.00
C VAL A 553 -25.29 18.81 6.59
N TYR A 554 -25.05 17.52 6.83
CA TYR A 554 -26.01 16.46 6.47
C TYR A 554 -26.18 15.52 7.66
N SER A 555 -27.31 14.82 7.76
CA SER A 555 -27.47 13.80 8.84
C SER A 555 -27.06 12.47 8.25
N THR A 556 -26.96 12.44 6.92
CA THR A 556 -26.50 11.21 6.24
C THR A 556 -25.02 11.00 6.52
N GLY A 557 -24.62 9.75 6.72
CA GLY A 557 -23.19 9.44 6.89
C GLY A 557 -22.58 9.39 5.52
N ASP A 558 -23.38 9.72 4.49
CA ASP A 558 -22.89 9.71 3.10
C ASP A 558 -23.35 10.98 2.38
N LEU A 559 -23.66 12.03 3.13
CA LEU A 559 -24.04 13.31 2.49
C LEU A 559 -25.18 13.06 1.51
N SER A 560 -26.34 12.63 2.01
CA SER A 560 -27.49 12.32 1.13
C SER A 560 -28.81 12.63 1.82
N GLY A 561 -29.58 13.57 1.26
CA GLY A 561 -30.92 13.87 1.79
C GLY A 561 -31.05 15.30 2.26
N ASP A 562 -32.09 15.57 3.05
CA ASP A 562 -32.29 17.00 3.41
C ASP A 562 -31.01 17.46 4.08
N SER A 563 -30.48 18.62 3.67
CA SER A 563 -29.19 19.10 4.22
C SER A 563 -29.24 20.60 4.52
N LYS A 564 -29.00 21.00 5.78
CA LYS A 564 -28.94 22.43 6.14
C LYS A 564 -27.54 22.97 5.80
N GLU A 565 -27.31 24.28 5.94
CA GLU A 565 -26.00 24.87 5.55
C GLU A 565 -25.58 25.98 6.51
N LEU A 566 -24.27 26.22 6.65
CA LEU A 566 -23.74 27.27 7.50
C LEU A 566 -22.66 28.03 6.74
N ASP A 567 -22.37 29.25 7.19
CA ASP A 567 -21.31 30.06 6.53
C ASP A 567 -20.18 30.33 7.52
N ALA A 568 -19.36 31.34 7.23
CA ALA A 568 -18.20 31.64 8.10
C ALA A 568 -18.72 32.02 9.48
N GLY A 569 -17.84 32.04 10.46
CA GLY A 569 -18.25 32.38 11.83
C GLY A 569 -18.49 31.15 12.66
N GLU A 570 -18.58 31.33 13.98
CA GLU A 570 -18.77 30.18 14.90
C GLU A 570 -20.21 29.69 14.78
N HIS A 571 -20.45 28.43 15.13
CA HIS A 571 -21.86 27.93 15.14
C HIS A 571 -21.99 26.81 16.19
N LYS A 572 -23.19 26.63 16.76
CA LYS A 572 -23.45 25.57 17.73
C LYS A 572 -24.54 24.67 17.17
N VAL A 573 -24.21 23.39 16.98
CA VAL A 573 -25.14 22.42 16.41
C VAL A 573 -25.67 21.53 17.51
N GLU A 574 -26.92 21.10 17.37
CA GLU A 574 -27.51 20.18 18.32
C GLU A 574 -26.83 18.82 18.24
N GLU A 575 -26.64 18.18 19.39
CA GLU A 575 -25.93 16.91 19.44
C GLU A 575 -26.68 15.85 18.66
N GLY A 576 -26.04 15.36 17.59
CA GLY A 576 -26.64 14.38 16.71
C GLY A 576 -27.17 14.92 15.41
N SER A 577 -27.10 16.24 15.19
CA SER A 577 -27.62 16.82 13.95
C SER A 577 -26.62 16.69 12.81
N VAL A 578 -25.35 16.51 13.14
CA VAL A 578 -24.30 16.43 12.08
C VAL A 578 -24.00 14.97 11.74
N GLY A 579 -24.04 14.63 10.45
CA GLY A 579 -23.67 13.28 10.01
C GLY A 579 -22.69 13.36 8.87
N SER A 580 -22.51 14.56 8.33
CA SER A 580 -21.54 14.75 7.21
C SER A 580 -21.22 16.23 7.04
N ILE A 581 -20.06 16.55 6.44
CA ILE A 581 -19.68 17.94 6.28
C ILE A 581 -19.00 18.12 4.93
N THR A 582 -19.50 19.08 4.15
CA THR A 582 -18.94 19.42 2.84
C THR A 582 -18.41 20.85 2.89
N ILE A 583 -17.13 21.03 2.58
CA ILE A 583 -16.49 22.35 2.57
C ILE A 583 -16.44 22.86 1.14
N SER A 584 -16.85 24.10 0.93
CA SER A 584 -16.85 24.68 -0.41
C SER A 584 -16.40 26.13 -0.33
N LYS A 585 -16.04 26.67 -1.49
CA LYS A 585 -15.60 28.07 -1.62
C LYS A 585 -14.42 28.38 -0.71
C1 NAG B . -8.69 -28.47 -32.00
C2 NAG B . -7.89 -29.00 -33.18
C3 NAG B . -8.42 -28.42 -34.48
C4 NAG B . -9.92 -28.68 -34.61
C5 NAG B . -10.65 -28.17 -33.38
C6 NAG B . -12.12 -28.50 -33.38
C7 NAG B . -5.60 -29.56 -32.49
C8 NAG B . -4.17 -29.09 -32.42
N2 NAG B . -6.48 -28.71 -33.03
O3 NAG B . -7.72 -28.99 -35.59
O4 NAG B . -10.42 -28.03 -35.77
O5 NAG B . -10.08 -28.76 -32.19
O6 NAG B . -12.33 -29.90 -33.33
O7 NAG B . -5.94 -30.67 -32.08
C1 NAG C . 12.55 23.19 -2.20
C2 NAG C . 13.54 24.33 -2.50
C3 NAG C . 12.82 25.55 -3.06
C4 NAG C . 11.97 25.15 -4.26
C5 NAG C . 11.03 24.00 -3.89
C6 NAG C . 10.21 23.48 -5.05
C7 NAG C . 15.45 24.13 -0.96
C8 NAG C . 16.07 24.63 0.31
N2 NAG C . 14.28 24.69 -1.30
O3 NAG C . 13.76 26.53 -3.43
O4 NAG C . 11.19 26.26 -4.70
O5 NAG C . 11.81 22.89 -3.40
O6 NAG C . 11.02 22.80 -6.00
O7 NAG C . 15.99 23.27 -1.65
C TRS D . -1.77 -2.07 -14.36
C1 TRS D . -1.77 -2.90 -15.65
C2 TRS D . -2.44 -2.83 -13.23
C3 TRS D . -2.49 -0.75 -14.62
N TRS D . -0.35 -1.78 -13.97
O1 TRS D . -3.09 -3.13 -16.11
O2 TRS D . -3.86 -2.81 -13.34
O3 TRS D . -3.82 -0.96 -15.08
C1 MPD E . 3.19 0.06 -16.05
C2 MPD E . 3.56 -0.79 -14.85
O2 MPD E . 2.89 -0.23 -13.71
CM MPD E . 5.06 -0.74 -14.60
C3 MPD E . 3.05 -2.23 -15.00
C4 MPD E . 3.53 -2.89 -16.27
O4 MPD E . 4.77 -3.53 -16.03
C5 MPD E . 2.55 -3.87 -16.82
C1 MPD F . -0.28 -22.09 14.86
C2 MPD F . 0.06 -21.63 13.46
O2 MPD F . 0.40 -22.79 12.69
CM MPD F . 1.28 -20.72 13.46
C3 MPD F . -1.14 -20.95 12.79
C4 MPD F . -1.80 -19.99 13.74
O4 MPD F . -1.15 -18.73 13.62
C5 MPD F . -3.26 -19.83 13.50
C1 NAG G . -6.00 19.34 -0.87
C2 NAG G . -7.19 19.68 -1.74
C3 NAG G . -6.64 20.39 -2.97
C4 NAG G . -5.74 21.54 -2.52
C5 NAG G . -4.62 21.03 -1.62
C6 NAG G . -3.65 22.12 -1.20
C7 NAG G . -8.78 18.29 -3.05
C8 NAG G . -8.22 17.62 -4.26
N2 NAG G . -7.93 18.47 -2.05
O3 NAG G . -7.69 20.91 -3.79
O4 NAG G . -5.18 22.17 -3.68
O5 NAG G . -5.24 20.47 -0.46
O6 NAG G . -2.88 22.55 -2.33
O7 NAG G . -9.95 18.65 -2.98
NA NA H . -16.66 -3.20 8.20
N1 AZI I . 15.13 -3.31 12.53
N2 AZI I . 14.58 -2.29 12.37
N3 AZI I . 14.04 -1.27 12.21
N1 AZI J . 15.48 1.03 -17.97
N2 AZI J . 14.93 0.87 -16.96
N3 AZI J . 14.38 0.69 -15.94
C ACT K . 12.99 18.00 -6.11
O ACT K . 14.02 17.33 -6.27
OXT ACT K . 12.94 19.03 -5.43
CH3 ACT K . 11.72 17.55 -6.81
N1 AZI L . -7.87 -11.07 -28.95
N2 AZI L . -8.49 -10.13 -28.69
N3 AZI L . -9.12 -9.19 -28.42
N1 AZI M . 2.56 -3.96 -21.46
N2 AZI M . 1.52 -3.52 -21.25
N3 AZI M . 0.49 -3.10 -21.05
N1 AZI N . -26.15 -7.75 1.65
N2 AZI N . -25.80 -8.33 0.75
N3 AZI N . -25.44 -8.90 -0.16
C ACT O . 24.94 -2.94 0.41
O ACT O . 25.46 -1.86 0.71
OXT ACT O . 24.02 -3.47 1.05
CH3 ACT O . 25.47 -3.67 -0.83
#